data_3MVP
#
_entry.id   3MVP
#
_cell.length_a   50.490
_cell.length_b   80.197
_cell.length_c   110.630
_cell.angle_alpha   90.000
_cell.angle_beta   90.000
_cell.angle_gamma   90.000
#
_symmetry.space_group_name_H-M   'P 21 21 21'
#
loop_
_entity.id
_entity.type
_entity.pdbx_description
1 polymer 'TetR/AcrR transcriptional regulator'
2 water water
#
_entity_poly.entity_id   1
_entity_poly.type   'polypeptide(L)'
_entity_poly.pdbx_seq_one_letter_code
;(MSE)SNFEKRNRK(MSE)AEKNIRKPKQERSIEKRNKILQVAKDLFSDKTYFNVTTNEIAKKADVSVGTLYAYFASKED
ILTALLKRYNDFFLTTIFADINSQDSLDRFKKNPKEWLNVLINQLLAAEDKIFHAQIE(MSE)LAYAIPQAKALLEEHNN
NLKNLTYKCLLYYSDQAANPSFKTLSLVVFDFISALVDELLYHEHTQEEAHQIKKTGIDSLDLIIKSYL
;
_entity_poly.pdbx_strand_id   A,B
#
# COMPACT_ATOMS: atom_id res chain seq x y z
N LYS A 14 -23.90 -43.14 -19.71
CA LYS A 14 -23.61 -41.74 -20.17
C LYS A 14 -24.67 -40.78 -19.64
N ASN A 15 -25.94 -41.01 -19.97
CA ASN A 15 -27.01 -40.21 -19.37
C ASN A 15 -27.54 -40.80 -18.08
N ILE A 16 -26.74 -40.62 -17.02
CA ILE A 16 -27.02 -41.08 -15.68
C ILE A 16 -26.89 -39.89 -14.71
N ARG A 17 -27.39 -40.05 -13.49
CA ARG A 17 -27.46 -38.94 -12.54
C ARG A 17 -26.04 -38.58 -12.08
N LYS A 18 -25.59 -37.38 -12.47
CA LYS A 18 -24.27 -36.87 -12.09
C LYS A 18 -24.27 -35.32 -12.19
N PRO A 19 -23.35 -34.66 -11.44
CA PRO A 19 -23.24 -33.20 -11.55
C PRO A 19 -23.00 -32.79 -12.99
N LYS A 20 -23.60 -31.68 -13.40
CA LYS A 20 -23.41 -31.11 -14.74
C LYS A 20 -21.96 -30.67 -15.01
N GLN A 21 -21.23 -30.29 -13.97
CA GLN A 21 -19.84 -29.81 -14.13
C GLN A 21 -18.88 -30.99 -14.43
N GLU A 22 -18.10 -30.87 -15.50
CA GLU A 22 -17.16 -31.93 -15.94
C GLU A 22 -16.01 -32.08 -14.96
N ARG A 23 -15.42 -33.30 -14.93
CA ARG A 23 -14.27 -33.58 -14.08
C ARG A 23 -13.09 -32.63 -14.36
N SER A 24 -12.85 -32.32 -15.64
CA SER A 24 -11.74 -31.45 -15.98
C SER A 24 -11.90 -30.06 -15.34
N ILE A 25 -13.14 -29.58 -15.26
CA ILE A 25 -13.43 -28.28 -14.61
C ILE A 25 -13.23 -28.34 -13.10
N GLU A 26 -13.72 -29.42 -12.47
CA GLU A 26 -13.49 -29.66 -11.04
C GLU A 26 -12.01 -29.62 -10.70
N LYS A 27 -11.20 -30.32 -11.48
CA LYS A 27 -9.76 -30.38 -11.21
C LYS A 27 -9.13 -29.01 -11.44
N ARG A 28 -9.53 -28.33 -12.51
CA ARG A 28 -9.05 -26.97 -12.76
C ARG A 28 -9.39 -26.02 -11.60
N ASN A 29 -10.63 -26.08 -11.13
CA ASN A 29 -11.05 -25.28 -9.98
C ASN A 29 -10.29 -25.63 -8.71
N LYS A 30 -10.03 -26.92 -8.50
CA LYS A 30 -9.29 -27.37 -7.33
C LYS A 30 -7.85 -26.81 -7.37
N ILE A 31 -7.23 -26.87 -8.55
CA ILE A 31 -5.88 -26.31 -8.72
C ILE A 31 -5.84 -24.82 -8.37
N LEU A 32 -6.82 -24.07 -8.89
CA LEU A 32 -6.90 -22.63 -8.69
C LEU A 32 -7.16 -22.30 -7.20
N GLN A 33 -8.07 -23.01 -6.55
CA GLN A 33 -8.34 -22.71 -5.14
CA GLN A 33 -8.36 -22.79 -5.12
C GLN A 33 -7.12 -23.06 -4.27
N VAL A 34 -6.48 -24.20 -4.56
CA VAL A 34 -5.29 -24.60 -3.81
C VAL A 34 -4.17 -23.57 -3.96
N ALA A 35 -3.92 -23.16 -5.20
CA ALA A 35 -2.88 -22.16 -5.47
C ALA A 35 -3.21 -20.81 -4.81
N LYS A 36 -4.45 -20.36 -4.91
CA LYS A 36 -4.87 -19.12 -4.28
C LYS A 36 -4.57 -19.14 -2.77
N ASP A 37 -4.97 -20.24 -2.12
CA ASP A 37 -4.75 -20.40 -0.69
C ASP A 37 -3.29 -20.51 -0.31
N LEU A 38 -2.52 -21.22 -1.13
CA LEU A 38 -1.06 -21.29 -0.92
C LEU A 38 -0.41 -19.92 -1.10
N PHE A 39 -0.74 -19.23 -2.19
CA PHE A 39 -0.22 -17.87 -2.41
C PHE A 39 -0.56 -16.95 -1.23
N SER A 40 -1.79 -17.05 -0.75
CA SER A 40 -2.28 -16.20 0.32
C SER A 40 -1.53 -16.40 1.64
N ASP A 41 -1.16 -17.64 1.90
CA ASP A 41 -0.60 -18.04 3.19
C ASP A 41 0.92 -17.96 3.18
N LYS A 42 1.55 -18.34 2.08
CA LYS A 42 3.01 -18.42 1.99
C LYS A 42 3.66 -17.31 1.20
N THR A 43 2.84 -16.57 0.44
CA THR A 43 3.26 -15.64 -0.61
C THR A 43 3.73 -16.34 -1.87
N TYR A 44 3.41 -15.73 -3.00
CA TYR A 44 3.50 -16.35 -4.31
C TYR A 44 4.87 -16.93 -4.61
N PHE A 45 5.91 -16.19 -4.24
CA PHE A 45 7.27 -16.61 -4.57
C PHE A 45 7.78 -17.82 -3.76
N ASN A 46 7.19 -18.08 -2.60
CA ASN A 46 7.55 -19.23 -1.76
C ASN A 46 6.74 -20.51 -2.04
N VAL A 47 5.89 -20.46 -3.05
CA VAL A 47 5.05 -21.62 -3.39
C VAL A 47 5.59 -22.31 -4.65
N THR A 48 5.76 -23.63 -4.60
CA THR A 48 6.28 -24.31 -5.78
C THR A 48 5.16 -24.97 -6.57
N THR A 49 5.43 -25.20 -7.85
CA THR A 49 4.54 -25.98 -8.70
C THR A 49 4.29 -27.37 -8.11
N ASN A 50 5.36 -28.00 -7.59
CA ASN A 50 5.22 -29.32 -6.99
C ASN A 50 4.24 -29.26 -5.81
N GLU A 51 4.37 -28.24 -4.99
CA GLU A 51 3.51 -28.12 -3.80
C GLU A 51 2.03 -27.93 -4.19
N ILE A 52 1.79 -27.09 -5.20
CA ILE A 52 0.43 -26.90 -5.75
C ILE A 52 -0.20 -28.24 -6.22
N ALA A 53 0.50 -28.98 -7.10
CA ALA A 53 0.05 -30.30 -7.54
C ALA A 53 -0.26 -31.25 -6.38
N LYS A 54 0.67 -31.35 -5.42
CA LYS A 54 0.47 -32.28 -4.29
C LYS A 54 -0.81 -31.95 -3.49
N LYS A 55 -0.98 -30.66 -3.21
CA LYS A 55 -2.09 -30.18 -2.42
C LYS A 55 -3.44 -30.27 -3.17
N ALA A 56 -3.38 -30.20 -4.49
CA ALA A 56 -4.55 -30.35 -5.36
C ALA A 56 -4.87 -31.82 -5.70
N ASP A 57 -4.01 -32.71 -5.22
CA ASP A 57 -4.10 -34.15 -5.52
C ASP A 57 -4.13 -34.46 -7.02
N VAL A 58 -3.25 -33.79 -7.76
CA VAL A 58 -3.05 -34.10 -9.17
C VAL A 58 -1.56 -34.29 -9.41
N SER A 59 -1.19 -35.00 -10.47
CA SER A 59 0.23 -35.14 -10.80
C SER A 59 0.79 -33.80 -11.27
N VAL A 60 2.10 -33.65 -11.19
CA VAL A 60 2.74 -32.46 -11.73
C VAL A 60 2.46 -32.34 -13.25
N GLY A 61 2.50 -33.47 -13.97
CA GLY A 61 2.15 -33.51 -15.40
C GLY A 61 0.73 -32.99 -15.70
N THR A 62 -0.22 -33.38 -14.89
CA THR A 62 -1.58 -32.90 -15.02
C THR A 62 -1.69 -31.39 -14.76
N LEU A 63 -1.00 -30.89 -13.74
CA LEU A 63 -1.01 -29.46 -13.44
CA LEU A 63 -1.01 -29.47 -13.43
C LEU A 63 -0.51 -28.68 -14.66
N TYR A 64 0.57 -29.17 -15.27
CA TYR A 64 1.11 -28.52 -16.46
C TYR A 64 0.18 -28.59 -17.66
N ALA A 65 -0.65 -29.62 -17.75
CA ALA A 65 -1.63 -29.69 -18.83
C ALA A 65 -2.62 -28.53 -18.75
N TYR A 66 -2.98 -28.14 -17.54
CA TYR A 66 -3.90 -27.01 -17.29
C TYR A 66 -3.23 -25.66 -17.30
N PHE A 67 -2.02 -25.60 -16.73
CA PHE A 67 -1.31 -24.33 -16.58
C PHE A 67 0.17 -24.49 -16.89
N ALA A 68 0.62 -23.80 -17.93
CA ALA A 68 1.98 -23.95 -18.42
C ALA A 68 3.02 -23.49 -17.40
N SER A 69 2.62 -22.57 -16.52
CA SER A 69 3.54 -22.04 -15.49
C SER A 69 2.74 -21.54 -14.30
N LYS A 70 3.44 -21.23 -13.22
CA LYS A 70 2.83 -20.64 -12.05
C LYS A 70 2.19 -19.29 -12.38
N GLU A 71 2.82 -18.50 -13.25
CA GLU A 71 2.21 -17.21 -13.63
C GLU A 71 0.88 -17.32 -14.35
N ASP A 72 0.68 -18.43 -15.08
CA ASP A 72 -0.60 -18.67 -15.78
C ASP A 72 -1.72 -18.96 -14.80
N ILE A 73 -1.38 -19.63 -13.69
CA ILE A 73 -2.30 -19.80 -12.59
C ILE A 73 -2.66 -18.43 -12.04
N LEU A 74 -1.64 -17.59 -11.81
CA LEU A 74 -1.87 -16.26 -11.30
C LEU A 74 -2.79 -15.42 -12.21
N THR A 75 -2.55 -15.51 -13.51
CA THR A 75 -3.37 -14.81 -14.52
C THR A 75 -4.84 -15.15 -14.32
N ALA A 76 -5.11 -16.43 -14.10
CA ALA A 76 -6.48 -16.87 -13.94
C ALA A 76 -7.10 -16.34 -12.64
N LEU A 77 -6.34 -16.37 -11.53
CA LEU A 77 -6.81 -15.88 -10.23
C LEU A 77 -7.07 -14.37 -10.24
N LEU A 78 -6.22 -13.62 -10.94
CA LEU A 78 -6.37 -12.16 -11.07
C LEU A 78 -7.63 -11.81 -11.83
N LYS A 79 -7.93 -12.55 -12.90
CA LYS A 79 -9.17 -12.35 -13.66
C LYS A 79 -10.42 -12.58 -12.78
N ARG A 80 -10.36 -13.60 -11.92
CA ARG A 80 -11.46 -13.89 -11.03
C ARG A 80 -11.63 -12.82 -9.95
N TYR A 81 -10.52 -12.29 -9.45
CA TYR A 81 -10.56 -11.17 -8.52
C TYR A 81 -11.15 -9.90 -9.14
N ASN A 82 -10.80 -9.64 -10.39
CA ASN A 82 -11.42 -8.52 -11.09
C ASN A 82 -12.95 -8.64 -11.09
N ASP A 83 -13.48 -9.82 -11.39
CA ASP A 83 -14.93 -10.00 -11.41
C ASP A 83 -15.55 -9.88 -10.02
N PHE A 84 -14.88 -10.46 -9.04
CA PHE A 84 -15.26 -10.34 -7.64
C PHE A 84 -15.31 -8.84 -7.23
N PHE A 85 -14.31 -8.07 -7.66
CA PHE A 85 -14.28 -6.67 -7.31
C PHE A 85 -15.48 -5.94 -7.92
N LEU A 86 -15.66 -6.12 -9.21
CA LEU A 86 -16.72 -5.44 -9.95
C LEU A 86 -18.10 -5.83 -9.43
N THR A 87 -18.30 -7.11 -9.11
CA THR A 87 -19.63 -7.55 -8.72
C THR A 87 -19.99 -7.34 -7.24
N THR A 88 -19.01 -7.48 -6.33
CA THR A 88 -19.29 -7.43 -4.87
C THR A 88 -18.93 -6.13 -4.14
N ILE A 89 -18.03 -5.34 -4.73
CA ILE A 89 -17.55 -4.11 -4.10
C ILE A 89 -17.93 -2.89 -4.95
N PHE A 90 -17.59 -2.92 -6.23
CA PHE A 90 -17.71 -1.72 -7.07
C PHE A 90 -19.14 -1.44 -7.52
N ALA A 91 -19.93 -2.48 -7.78
CA ALA A 91 -21.30 -2.27 -8.28
C ALA A 91 -22.12 -1.32 -7.40
N ASP A 92 -22.03 -1.47 -6.07
CA ASP A 92 -22.82 -0.63 -5.15
C ASP A 92 -22.23 0.79 -4.99
N ILE A 93 -20.90 0.88 -4.95
CA ILE A 93 -20.18 2.15 -4.94
C ILE A 93 -20.45 3.00 -6.20
N ASN A 94 -20.37 2.36 -7.37
CA ASN A 94 -20.60 3.03 -8.64
C ASN A 94 -22.09 3.09 -9.01
N SER A 95 -22.85 3.88 -8.25
CA SER A 95 -24.31 3.92 -8.39
C SER A 95 -24.77 5.35 -8.22
N GLN A 96 -25.87 5.70 -8.90
CA GLN A 96 -26.51 6.98 -8.65
C GLN A 96 -26.76 7.17 -7.15
N ASP A 97 -26.96 6.06 -6.43
CA ASP A 97 -27.06 6.11 -4.97
C ASP A 97 -25.92 6.91 -4.35
N SER A 98 -24.70 6.66 -4.83
CA SER A 98 -23.53 7.37 -4.33
C SER A 98 -23.57 8.84 -4.68
N LEU A 99 -23.91 9.16 -5.93
CA LEU A 99 -24.05 10.54 -6.39
C LEU A 99 -25.14 11.31 -5.59
N ASP A 100 -26.30 10.68 -5.42
CA ASP A 100 -27.42 11.27 -4.64
C ASP A 100 -26.99 11.56 -3.21
N ARG A 101 -26.37 10.55 -2.60
CA ARG A 101 -25.90 10.63 -1.25
C ARG A 101 -24.95 11.80 -1.10
N PHE A 102 -23.99 11.90 -2.03
CA PHE A 102 -23.01 12.96 -1.98
C PHE A 102 -23.66 14.33 -2.14
N LYS A 103 -24.62 14.45 -3.04
CA LYS A 103 -25.33 15.73 -3.22
C LYS A 103 -26.03 16.18 -1.94
N LYS A 104 -26.67 15.23 -1.24
CA LYS A 104 -27.44 15.53 -0.02
C LYS A 104 -26.54 15.96 1.12
N ASN A 105 -25.47 15.20 1.33
CA ASN A 105 -24.47 15.48 2.37
C ASN A 105 -23.21 14.65 2.09
N PRO A 106 -22.09 15.35 1.78
CA PRO A 106 -20.81 14.69 1.55
C PRO A 106 -20.39 13.76 2.71
N LYS A 107 -20.82 14.06 3.93
CA LYS A 107 -20.43 13.23 5.07
C LYS A 107 -21.09 11.85 5.03
N GLU A 108 -22.37 11.78 4.66
CA GLU A 108 -23.05 10.49 4.57
C GLU A 108 -22.49 9.63 3.43
N TRP A 109 -22.07 10.28 2.34
CA TRP A 109 -21.36 9.59 1.26
C TRP A 109 -20.09 8.91 1.81
N LEU A 110 -19.29 9.65 2.56
CA LEU A 110 -18.08 9.09 3.21
C LEU A 110 -18.37 7.90 4.11
N ASN A 111 -19.35 8.06 5.00
CA ASN A 111 -19.71 6.97 5.92
C ASN A 111 -20.03 5.69 5.18
N VAL A 112 -20.91 5.78 4.18
CA VAL A 112 -21.34 4.61 3.41
C VAL A 112 -20.20 3.99 2.58
N LEU A 113 -19.45 4.83 1.87
CA LEU A 113 -18.32 4.37 1.08
C LEU A 113 -17.25 3.65 1.92
N ILE A 114 -16.87 4.24 3.03
CA ILE A 114 -15.88 3.61 3.91
C ILE A 114 -16.34 2.26 4.44
N ASN A 115 -17.62 2.16 4.80
CA ASN A 115 -18.18 0.87 5.21
C ASN A 115 -18.15 -0.16 4.08
N GLN A 116 -18.48 0.29 2.86
CA GLN A 116 -18.44 -0.57 1.69
C GLN A 116 -17.01 -1.12 1.47
N LEU A 117 -16.02 -0.24 1.58
CA LEU A 117 -14.62 -0.63 1.40
C LEU A 117 -14.17 -1.52 2.56
N LEU A 118 -14.64 -1.22 3.76
CA LEU A 118 -14.28 -2.03 4.93
C LEU A 118 -14.93 -3.40 4.84
N ALA A 119 -16.09 -3.47 4.18
CA ALA A 119 -16.83 -4.74 4.02
C ALA A 119 -16.24 -5.64 2.93
N ALA A 120 -15.36 -5.08 2.09
CA ALA A 120 -14.72 -5.85 1.01
C ALA A 120 -14.15 -7.16 1.56
N GLU A 121 -14.48 -8.28 0.94
CA GLU A 121 -14.00 -9.58 1.40
C GLU A 121 -12.74 -9.96 0.65
N ASP A 122 -12.16 -11.09 1.05
CA ASP A 122 -10.95 -11.65 0.47
C ASP A 122 -9.73 -10.72 0.61
N LYS A 123 -9.61 -10.11 1.80
CA LYS A 123 -8.55 -9.14 2.04
C LYS A 123 -7.19 -9.85 2.00
N ILE A 124 -7.19 -11.14 2.36
CA ILE A 124 -5.95 -11.91 2.42
CA ILE A 124 -5.96 -11.93 2.42
C ILE A 124 -5.31 -12.07 1.03
N PHE A 125 -6.11 -12.48 0.05
CA PHE A 125 -5.59 -12.57 -1.30
C PHE A 125 -5.33 -11.18 -1.90
N HIS A 126 -6.18 -10.20 -1.58
CA HIS A 126 -5.94 -8.84 -2.05
C HIS A 126 -4.54 -8.32 -1.66
N ALA A 127 -4.12 -8.67 -0.44
CA ALA A 127 -2.82 -8.24 0.08
C ALA A 127 -1.70 -8.81 -0.79
N GLN A 128 -1.91 -10.04 -1.23
CA GLN A 128 -0.98 -10.71 -2.10
C GLN A 128 -0.89 -10.04 -3.48
N ILE A 129 -2.03 -9.57 -3.99
CA ILE A 129 -2.03 -8.82 -5.23
C ILE A 129 -1.24 -7.50 -5.05
N GLU A 130 -1.41 -6.84 -3.91
CA GLU A 130 -0.64 -5.63 -3.61
C GLU A 130 0.86 -5.92 -3.61
N MSE A 131 1.28 -7.04 -3.02
CA MSE A 131 2.69 -7.42 -3.02
C MSE A 131 3.14 -7.63 -4.46
O MSE A 131 4.15 -7.10 -4.89
CB MSE A 131 2.93 -8.71 -2.24
CG MSE A 131 4.42 -9.06 -2.15
SE MSE A 131 4.71 -10.87 -1.57
CE MSE A 131 4.33 -11.69 -3.33
N LEU A 132 2.36 -8.38 -5.20
CA LEU A 132 2.70 -8.73 -6.57
C LEU A 132 2.77 -7.54 -7.51
N ALA A 133 2.09 -6.45 -7.16
CA ALA A 133 2.15 -5.21 -7.97
C ALA A 133 3.57 -4.69 -8.12
N TYR A 134 4.42 -4.97 -7.12
CA TYR A 134 5.83 -4.60 -7.17
C TYR A 134 6.67 -5.44 -8.12
N ALA A 135 6.12 -6.52 -8.66
CA ALA A 135 6.93 -7.52 -9.40
C ALA A 135 6.28 -8.02 -10.71
N ILE A 136 4.95 -8.02 -10.74
CA ILE A 136 4.17 -8.64 -11.84
C ILE A 136 3.28 -7.59 -12.51
N PRO A 137 3.58 -7.22 -13.77
CA PRO A 137 2.77 -6.21 -14.49
C PRO A 137 1.24 -6.41 -14.45
N GLN A 138 0.74 -7.65 -14.58
CA GLN A 138 -0.71 -7.85 -14.51
C GLN A 138 -1.30 -7.43 -13.16
N ALA A 139 -0.54 -7.67 -12.07
CA ALA A 139 -1.05 -7.33 -10.74
C ALA A 139 -1.07 -5.82 -10.59
N LYS A 140 -0.01 -5.14 -11.04
CA LYS A 140 0.02 -3.68 -10.97
C LYS A 140 -1.13 -3.08 -11.76
N ALA A 141 -1.34 -3.58 -12.97
CA ALA A 141 -2.38 -3.05 -13.86
C ALA A 141 -3.77 -3.22 -13.24
N LEU A 142 -4.03 -4.40 -12.71
CA LEU A 142 -5.32 -4.68 -12.11
C LEU A 142 -5.71 -3.69 -11.00
N LEU A 143 -4.81 -3.52 -10.03
CA LEU A 143 -5.06 -2.63 -8.92
C LEU A 143 -5.15 -1.16 -9.37
N GLU A 144 -4.33 -0.75 -10.34
CA GLU A 144 -4.41 0.62 -10.88
C GLU A 144 -5.78 0.84 -11.54
N GLU A 145 -6.31 -0.17 -12.22
CA GLU A 145 -7.62 -0.02 -12.87
C GLU A 145 -8.70 0.15 -11.81
N HIS A 146 -8.68 -0.72 -10.80
CA HIS A 146 -9.66 -0.62 -9.72
C HIS A 146 -9.58 0.75 -9.04
N ASN A 147 -8.36 1.19 -8.73
CA ASN A 147 -8.11 2.48 -8.08
CA ASN A 147 -8.17 2.48 -8.05
C ASN A 147 -8.63 3.64 -8.94
N ASN A 148 -8.32 3.55 -10.23
CA ASN A 148 -8.79 4.51 -11.22
C ASN A 148 -10.33 4.58 -11.28
N ASN A 149 -11.00 3.42 -11.20
CA ASN A 149 -12.45 3.39 -11.26
C ASN A 149 -13.07 4.08 -10.03
N LEU A 150 -12.42 3.88 -8.89
CA LEU A 150 -12.90 4.45 -7.61
C LEU A 150 -12.64 5.96 -7.59
N LYS A 151 -11.47 6.38 -8.06
CA LYS A 151 -11.23 7.81 -8.26
C LYS A 151 -12.22 8.47 -9.22
N ASN A 152 -12.59 7.75 -10.27
CA ASN A 152 -13.49 8.32 -11.27
C ASN A 152 -14.88 8.45 -10.69
N LEU A 153 -15.34 7.42 -9.99
CA LEU A 153 -16.58 7.54 -9.25
C LEU A 153 -16.60 8.77 -8.34
N THR A 154 -15.51 8.96 -7.57
CA THR A 154 -15.34 10.08 -6.64
C THR A 154 -15.45 11.41 -7.39
N TYR A 155 -14.73 11.50 -8.50
CA TYR A 155 -14.83 12.63 -9.44
C TYR A 155 -16.28 12.91 -9.88
N LYS A 156 -17.00 11.87 -10.30
CA LYS A 156 -18.41 12.02 -10.67
C LYS A 156 -19.31 12.56 -9.54
N CYS A 157 -19.10 12.09 -8.32
CA CYS A 157 -19.81 12.66 -7.17
C CYS A 157 -19.53 14.15 -7.00
N LEU A 158 -18.26 14.54 -7.06
CA LEU A 158 -17.89 15.95 -6.95
C LEU A 158 -18.61 16.79 -8.03
N LEU A 159 -18.59 16.30 -9.27
CA LEU A 159 -19.24 17.01 -10.35
C LEU A 159 -20.72 17.13 -10.06
N TYR A 160 -21.32 16.03 -9.58
CA TYR A 160 -22.75 15.97 -9.36
C TYR A 160 -23.23 16.99 -8.32
N TYR A 161 -22.42 17.24 -7.30
CA TYR A 161 -22.73 18.24 -6.29
C TYR A 161 -23.06 19.62 -6.87
N SER A 162 -22.34 20.01 -7.92
CA SER A 162 -22.50 21.32 -8.52
C SER A 162 -23.08 21.24 -9.94
N ASP A 163 -23.46 20.03 -10.34
CA ASP A 163 -24.07 19.79 -11.64
C ASP A 163 -23.16 20.18 -12.81
N GLN A 164 -21.87 19.97 -12.62
CA GLN A 164 -20.90 20.32 -13.66
C GLN A 164 -20.67 19.17 -14.63
N ALA A 165 -20.20 19.52 -15.82
CA ALA A 165 -19.80 18.53 -16.81
C ALA A 165 -18.38 18.03 -16.61
N ALA A 166 -17.46 18.93 -16.29
CA ALA A 166 -16.05 18.57 -16.11
C ALA A 166 -15.31 19.65 -15.31
N ASN A 167 -14.33 19.24 -14.52
CA ASN A 167 -13.59 20.18 -13.67
C ASN A 167 -12.24 19.58 -13.33
N PRO A 168 -11.14 20.10 -13.92
CA PRO A 168 -9.83 19.56 -13.61
C PRO A 168 -9.47 19.63 -12.13
N SER A 169 -9.83 20.72 -11.45
CA SER A 169 -9.53 20.79 -10.02
C SER A 169 -10.27 19.71 -9.21
N PHE A 170 -11.47 19.33 -9.65
CA PHE A 170 -12.18 18.22 -9.01
C PHE A 170 -11.52 16.88 -9.29
N LYS A 171 -10.91 16.73 -10.47
CA LYS A 171 -10.19 15.50 -10.80
CA LYS A 171 -10.18 15.51 -10.81
C LYS A 171 -8.99 15.33 -9.87
N THR A 172 -8.24 16.39 -9.66
CA THR A 172 -7.09 16.39 -8.77
C THR A 172 -7.57 16.09 -7.37
N LEU A 173 -8.66 16.73 -6.96
CA LEU A 173 -9.23 16.47 -5.65
C LEU A 173 -9.65 15.02 -5.48
N SER A 174 -10.30 14.46 -6.51
CA SER A 174 -10.72 13.04 -6.47
C SER A 174 -9.54 12.11 -6.18
N LEU A 175 -8.36 12.45 -6.75
CA LEU A 175 -7.16 11.65 -6.56
CA LEU A 175 -7.17 11.67 -6.59
C LEU A 175 -6.72 11.70 -5.12
N VAL A 176 -6.58 12.91 -4.59
CA VAL A 176 -6.15 13.12 -3.20
C VAL A 176 -7.16 12.49 -2.21
N VAL A 177 -8.43 12.79 -2.42
CA VAL A 177 -9.48 12.32 -1.51
C VAL A 177 -9.52 10.81 -1.50
N PHE A 178 -9.48 10.17 -2.66
CA PHE A 178 -9.50 8.71 -2.61
C PHE A 178 -8.24 8.08 -2.01
N ASP A 179 -7.10 8.71 -2.28
CA ASP A 179 -5.84 8.27 -1.69
C ASP A 179 -5.93 8.31 -0.13
N PHE A 180 -6.57 9.33 0.40
CA PHE A 180 -6.74 9.46 1.85
C PHE A 180 -7.76 8.44 2.36
N ILE A 181 -8.87 8.33 1.65
CA ILE A 181 -9.88 7.31 1.97
C ILE A 181 -9.26 5.90 2.02
N SER A 182 -8.51 5.55 0.99
CA SER A 182 -7.88 4.25 0.91
C SER A 182 -6.87 4.05 2.08
N ALA A 183 -6.16 5.11 2.44
CA ALA A 183 -5.22 5.07 3.55
C ALA A 183 -5.95 4.77 4.88
N LEU A 184 -7.14 5.34 5.03
CA LEU A 184 -7.95 5.17 6.24
C LEU A 184 -8.47 3.74 6.31
N VAL A 185 -8.97 3.26 5.18
CA VAL A 185 -9.44 1.89 5.09
C VAL A 185 -8.32 0.90 5.50
N ASP A 186 -7.11 1.08 4.96
CA ASP A 186 -5.98 0.21 5.24
C ASP A 186 -5.59 0.20 6.71
N GLU A 187 -5.57 1.38 7.32
CA GLU A 187 -5.29 1.52 8.74
C GLU A 187 -6.24 0.67 9.56
N LEU A 188 -7.52 0.68 9.16
CA LEU A 188 -8.53 -0.08 9.84
C LEU A 188 -8.46 -1.58 9.51
N LEU A 189 -8.10 -1.91 8.28
CA LEU A 189 -8.18 -3.31 7.82
C LEU A 189 -6.97 -4.17 8.17
N TYR A 190 -5.78 -3.64 7.91
CA TYR A 190 -4.55 -4.43 7.94
C TYR A 190 -3.71 -4.17 9.20
N HIS A 191 -4.30 -3.48 10.17
CA HIS A 191 -3.63 -3.22 11.44
C HIS A 191 -4.53 -3.56 12.62
N GLU A 192 -3.92 -3.95 13.73
CA GLU A 192 -4.63 -4.31 14.97
C GLU A 192 -5.04 -3.04 15.72
N HIS A 193 -6.33 -2.95 16.03
CA HIS A 193 -6.92 -1.89 16.86
C HIS A 193 -8.04 -2.49 17.70
N THR A 194 -8.29 -1.93 18.89
CA THR A 194 -9.48 -2.30 19.66
C THR A 194 -10.74 -1.80 18.94
N GLN A 195 -11.91 -2.36 19.29
CA GLN A 195 -13.18 -1.88 18.74
C GLN A 195 -13.33 -0.35 18.92
N GLU A 196 -12.98 0.13 20.12
CA GLU A 196 -13.08 1.55 20.47
C GLU A 196 -12.08 2.41 19.70
N GLU A 197 -10.84 1.94 19.57
CA GLU A 197 -9.83 2.69 18.82
C GLU A 197 -10.17 2.74 17.32
N ALA A 198 -10.70 1.64 16.78
CA ALA A 198 -11.15 1.60 15.39
C ALA A 198 -12.31 2.57 15.17
N HIS A 199 -13.21 2.68 16.16
CA HIS A 199 -14.31 3.64 16.08
C HIS A 199 -13.79 5.07 16.01
N GLN A 200 -12.82 5.43 16.84
CA GLN A 200 -12.30 6.80 16.87
C GLN A 200 -11.48 7.17 15.64
N ILE A 201 -10.69 6.20 15.15
CA ILE A 201 -9.94 6.43 13.91
C ILE A 201 -10.92 6.74 12.78
N LYS A 202 -11.93 5.87 12.62
CA LYS A 202 -12.96 6.07 11.59
C LYS A 202 -13.65 7.42 11.70
N LYS A 203 -14.02 7.82 12.93
CA LYS A 203 -14.72 9.09 13.15
C LYS A 203 -13.81 10.27 12.80
N THR A 204 -12.59 10.28 13.35
CA THR A 204 -11.62 11.32 13.02
C THR A 204 -11.32 11.38 11.50
N GLY A 205 -11.11 10.22 10.89
CA GLY A 205 -10.92 10.14 9.44
C GLY A 205 -12.07 10.76 8.67
N ILE A 206 -13.30 10.31 8.97
CA ILE A 206 -14.50 10.80 8.31
C ILE A 206 -14.68 12.30 8.49
N ASP A 207 -14.62 12.76 9.74
CA ASP A 207 -14.84 14.17 10.03
C ASP A 207 -13.82 15.00 9.29
N SER A 208 -12.60 14.47 9.23
CA SER A 208 -11.49 15.17 8.59
C SER A 208 -11.66 15.22 7.06
N LEU A 209 -12.10 14.12 6.46
CA LEU A 209 -12.30 14.08 5.01
C LEU A 209 -13.48 14.95 4.58
N ASP A 210 -14.49 15.03 5.44
CA ASP A 210 -15.63 15.89 5.22
C ASP A 210 -15.22 17.35 5.14
N LEU A 211 -14.40 17.79 6.08
CA LEU A 211 -13.96 19.17 6.11
C LEU A 211 -13.16 19.50 4.84
N ILE A 212 -12.22 18.62 4.51
CA ILE A 212 -11.43 18.75 3.28
C ILE A 212 -12.30 18.92 2.02
N ILE A 213 -13.26 18.03 1.84
CA ILE A 213 -14.08 17.99 0.63
C ILE A 213 -14.89 19.29 0.55
N LYS A 214 -15.45 19.66 1.68
CA LYS A 214 -16.28 20.85 1.73
C LYS A 214 -15.47 22.11 1.45
N SER A 215 -14.16 22.04 1.70
CA SER A 215 -13.31 23.21 1.52
C SER A 215 -13.07 23.54 0.04
N TYR A 216 -13.37 22.59 -0.85
CA TYR A 216 -13.12 22.76 -2.29
C TYR A 216 -14.37 22.88 -3.13
N LEU A 217 -15.51 22.45 -2.58
CA LEU A 217 -16.78 22.49 -3.28
C LEU A 217 -17.27 23.91 -3.61
N SER B 24 38.16 -8.96 3.70
CA SER B 24 38.23 -7.52 3.33
C SER B 24 36.92 -6.79 3.62
N ILE B 25 37.02 -5.51 4.01
CA ILE B 25 35.84 -4.67 4.23
C ILE B 25 35.28 -4.15 2.90
N GLU B 26 36.16 -3.58 2.07
CA GLU B 26 35.76 -2.97 0.80
C GLU B 26 34.90 -3.90 -0.07
N LYS B 27 35.29 -5.18 -0.12
CA LYS B 27 34.61 -6.20 -0.92
C LYS B 27 33.22 -6.50 -0.40
N ARG B 28 33.08 -6.61 0.92
CA ARG B 28 31.77 -6.75 1.55
C ARG B 28 30.85 -5.62 1.12
N ASN B 29 31.40 -4.40 1.13
CA ASN B 29 30.64 -3.22 0.70
C ASN B 29 30.26 -3.26 -0.76
N LYS B 30 31.18 -3.74 -1.61
CA LYS B 30 30.92 -3.85 -3.04
C LYS B 30 29.80 -4.84 -3.29
N ILE B 31 29.84 -5.97 -2.59
CA ILE B 31 28.83 -7.00 -2.72
C ILE B 31 27.44 -6.47 -2.33
N LEU B 32 27.38 -5.73 -1.22
CA LEU B 32 26.13 -5.17 -0.73
C LEU B 32 25.58 -4.14 -1.72
N GLN B 33 26.49 -3.31 -2.25
CA GLN B 33 26.21 -2.39 -3.37
C GLN B 33 25.60 -3.14 -4.54
N VAL B 34 26.27 -4.20 -5.00
CA VAL B 34 25.81 -5.02 -6.14
C VAL B 34 24.46 -5.69 -5.86
N ALA B 35 24.32 -6.30 -4.67
CA ALA B 35 23.14 -7.03 -4.31
C ALA B 35 21.94 -6.10 -4.23
N LYS B 36 22.18 -4.92 -3.64
CA LYS B 36 21.17 -3.87 -3.55
C LYS B 36 20.67 -3.49 -4.95
N ASP B 37 21.59 -3.17 -5.85
CA ASP B 37 21.23 -2.83 -7.24
C ASP B 37 20.48 -3.97 -7.94
N LEU B 38 20.94 -5.21 -7.76
CA LEU B 38 20.21 -6.37 -8.31
C LEU B 38 18.81 -6.53 -7.75
N PHE B 39 18.68 -6.47 -6.41
CA PHE B 39 17.36 -6.65 -5.78
C PHE B 39 16.36 -5.66 -6.37
N SER B 40 16.83 -4.44 -6.57
CA SER B 40 15.99 -3.40 -7.14
C SER B 40 15.62 -3.62 -8.61
N ASP B 41 16.61 -3.95 -9.44
CA ASP B 41 16.37 -4.20 -10.88
C ASP B 41 15.52 -5.44 -11.19
N LYS B 42 15.67 -6.50 -10.40
CA LYS B 42 15.18 -7.81 -10.83
C LYS B 42 14.03 -8.48 -10.04
N THR B 43 13.79 -7.96 -8.85
CA THR B 43 12.94 -8.58 -7.83
C THR B 43 13.76 -9.54 -6.99
N TYR B 44 13.81 -9.24 -5.70
CA TYR B 44 14.56 -10.01 -4.72
C TYR B 44 14.44 -11.52 -4.85
N PHE B 45 13.21 -12.00 -5.03
CA PHE B 45 12.95 -13.44 -4.99
C PHE B 45 13.60 -14.17 -6.15
N ASN B 46 13.84 -13.43 -7.23
CA ASN B 46 14.43 -13.98 -8.44
C ASN B 46 15.95 -13.91 -8.50
N VAL B 47 16.57 -13.19 -7.58
CA VAL B 47 18.02 -13.04 -7.55
C VAL B 47 18.60 -14.17 -6.72
N THR B 48 19.68 -14.79 -7.21
CA THR B 48 20.35 -15.86 -6.47
C THR B 48 21.70 -15.36 -5.96
N THR B 49 22.24 -16.05 -4.97
CA THR B 49 23.61 -15.78 -4.52
C THR B 49 24.62 -15.93 -5.67
N ASN B 50 24.46 -16.95 -6.53
CA ASN B 50 25.34 -17.14 -7.69
C ASN B 50 25.39 -15.88 -8.56
N GLU B 51 24.21 -15.30 -8.80
CA GLU B 51 24.05 -14.09 -9.59
C GLU B 51 24.76 -12.90 -8.95
N ILE B 52 24.65 -12.79 -7.62
CA ILE B 52 25.30 -11.70 -6.90
C ILE B 52 26.83 -11.83 -7.01
N ALA B 53 27.32 -13.05 -6.78
CA ALA B 53 28.74 -13.35 -6.92
C ALA B 53 29.25 -13.00 -8.32
N LYS B 54 28.54 -13.43 -9.37
CA LYS B 54 28.95 -13.13 -10.76
C LYS B 54 28.99 -11.63 -11.05
N LYS B 55 28.01 -10.88 -10.54
CA LYS B 55 27.92 -9.45 -10.81
C LYS B 55 28.92 -8.63 -10.00
N ALA B 56 29.31 -9.16 -8.84
CA ALA B 56 30.28 -8.49 -7.97
C ALA B 56 31.72 -8.96 -8.27
N ASP B 57 31.86 -9.80 -9.31
CA ASP B 57 33.16 -10.34 -9.74
C ASP B 57 33.88 -11.05 -8.59
N VAL B 58 33.15 -11.87 -7.85
CA VAL B 58 33.68 -12.60 -6.72
C VAL B 58 33.26 -14.08 -6.81
N SER B 59 34.02 -14.98 -6.19
CA SER B 59 33.68 -16.40 -6.22
C SER B 59 32.46 -16.72 -5.34
N VAL B 60 31.78 -17.83 -5.65
CA VAL B 60 30.65 -18.28 -4.83
C VAL B 60 31.10 -18.56 -3.41
N GLY B 61 32.30 -19.15 -3.27
CA GLY B 61 32.88 -19.43 -1.96
C GLY B 61 33.17 -18.18 -1.14
N THR B 62 33.76 -17.18 -1.78
CA THR B 62 34.03 -15.87 -1.14
C THR B 62 32.74 -15.22 -0.65
N LEU B 63 31.72 -15.20 -1.50
CA LEU B 63 30.45 -14.57 -1.16
C LEU B 63 29.87 -15.26 0.06
N TYR B 64 29.82 -16.58 0.02
CA TYR B 64 29.35 -17.41 1.13
C TYR B 64 30.07 -17.08 2.44
N ALA B 65 31.38 -16.85 2.35
CA ALA B 65 32.16 -16.47 3.52
C ALA B 65 31.62 -15.15 4.11
N TYR B 66 31.20 -14.23 3.25
CA TYR B 66 30.61 -12.97 3.70
C TYR B 66 29.18 -13.14 4.20
N PHE B 67 28.38 -13.93 3.47
CA PHE B 67 26.96 -14.10 3.73
C PHE B 67 26.51 -15.52 3.41
N ALA B 68 26.02 -16.25 4.42
CA ALA B 68 25.61 -17.65 4.26
C ALA B 68 24.44 -17.86 3.28
N SER B 69 23.53 -16.89 3.24
CA SER B 69 22.36 -16.99 2.41
C SER B 69 22.02 -15.62 1.85
N LYS B 70 21.08 -15.60 0.93
CA LYS B 70 20.58 -14.36 0.38
C LYS B 70 19.93 -13.55 1.50
N GLU B 71 19.23 -14.24 2.41
CA GLU B 71 18.50 -13.56 3.48
C GLU B 71 19.46 -12.78 4.38
N ASP B 72 20.67 -13.29 4.55
CA ASP B 72 21.71 -12.59 5.29
C ASP B 72 22.16 -11.28 4.64
N ILE B 73 22.26 -11.28 3.31
CA ILE B 73 22.57 -10.06 2.56
C ILE B 73 21.43 -9.06 2.80
N LEU B 74 20.19 -9.54 2.67
CA LEU B 74 19.06 -8.63 2.87
C LEU B 74 19.07 -8.02 4.27
N THR B 75 19.33 -8.84 5.29
CA THR B 75 19.35 -8.34 6.68
C THR B 75 20.37 -7.21 6.80
N ALA B 76 21.55 -7.38 6.20
CA ALA B 76 22.60 -6.35 6.25
C ALA B 76 22.17 -5.06 5.57
N LEU B 77 21.45 -5.17 4.45
CA LEU B 77 20.90 -3.99 3.77
C LEU B 77 19.78 -3.34 4.60
N LEU B 78 18.96 -4.17 5.25
CA LEU B 78 17.87 -3.65 6.11
C LEU B 78 18.45 -2.95 7.33
N LYS B 79 19.52 -3.51 7.89
CA LYS B 79 20.16 -2.92 9.09
C LYS B 79 20.74 -1.56 8.72
N ARG B 80 21.37 -1.48 7.55
CA ARG B 80 21.88 -0.21 7.04
C ARG B 80 20.77 0.81 6.79
N TYR B 81 19.68 0.34 6.18
CA TYR B 81 18.55 1.22 5.95
C TYR B 81 18.01 1.74 7.30
N ASN B 82 17.94 0.87 8.30
CA ASN B 82 17.45 1.26 9.63
C ASN B 82 18.31 2.35 10.24
N ASP B 83 19.62 2.13 10.25
CA ASP B 83 20.57 3.09 10.82
C ASP B 83 20.54 4.41 10.06
N PHE B 84 20.40 4.36 8.74
CA PHE B 84 20.30 5.58 7.95
C PHE B 84 18.99 6.34 8.21
N PHE B 85 17.88 5.61 8.37
CA PHE B 85 16.60 6.22 8.71
C PHE B 85 16.71 6.91 10.06
N LEU B 86 17.23 6.17 11.03
CA LEU B 86 17.30 6.65 12.40
C LEU B 86 18.23 7.85 12.54
N THR B 87 19.37 7.80 11.85
CA THR B 87 20.41 8.82 12.05
C THR B 87 20.20 10.08 11.23
N THR B 88 19.52 9.99 10.09
CA THR B 88 19.45 11.16 9.26
C THR B 88 18.05 11.74 9.25
N ILE B 89 17.17 11.07 8.52
CA ILE B 89 15.79 11.48 8.36
C ILE B 89 14.96 11.56 9.65
N PHE B 90 15.00 10.52 10.50
CA PHE B 90 14.25 10.55 11.76
C PHE B 90 14.80 11.50 12.83
N ALA B 91 16.12 11.60 12.92
CA ALA B 91 16.77 12.49 13.88
C ALA B 91 16.29 13.93 13.70
N ASP B 92 16.25 14.40 12.45
CA ASP B 92 15.76 15.75 12.13
C ASP B 92 14.26 15.92 12.47
N ILE B 93 13.45 14.97 12.01
CA ILE B 93 12.00 15.01 12.26
C ILE B 93 11.66 14.99 13.76
N ASN B 94 12.46 14.24 14.54
CA ASN B 94 12.24 14.07 15.97
C ASN B 94 12.90 15.15 16.86
N SER B 95 13.66 16.06 16.26
CA SER B 95 14.34 17.14 17.01
C SER B 95 13.38 18.12 17.70
N GLN B 96 13.87 18.78 18.75
CA GLN B 96 13.16 19.91 19.36
C GLN B 96 12.86 21.00 18.32
N ASP B 97 13.84 21.30 17.47
CA ASP B 97 13.67 22.24 16.37
C ASP B 97 12.39 21.94 15.54
N SER B 98 12.15 20.66 15.28
CA SER B 98 10.93 20.23 14.60
C SER B 98 9.65 20.54 15.41
N LEU B 99 9.69 20.30 16.72
CA LEU B 99 8.57 20.67 17.58
C LEU B 99 8.26 22.18 17.51
N ASP B 100 9.31 23.00 17.53
CA ASP B 100 9.16 24.46 17.49
C ASP B 100 8.51 24.92 16.18
N ARG B 101 8.96 24.38 15.05
CA ARG B 101 8.37 24.72 13.74
C ARG B 101 6.87 24.40 13.67
N PHE B 102 6.46 23.22 14.14
CA PHE B 102 5.04 22.88 14.25
C PHE B 102 4.26 23.92 15.08
N LYS B 103 4.80 24.27 16.26
CA LYS B 103 4.15 25.26 17.14
C LYS B 103 4.05 26.64 16.50
N LYS B 104 5.10 27.04 15.77
CA LYS B 104 5.08 28.28 15.00
C LYS B 104 4.00 28.29 13.90
N ASN B 105 4.06 27.31 12.98
CA ASN B 105 3.07 27.18 11.92
C ASN B 105 3.05 25.74 11.46
N PRO B 106 1.97 24.99 11.80
CA PRO B 106 1.91 23.60 11.36
C PRO B 106 2.01 23.44 9.85
N LYS B 107 1.63 24.47 9.10
CA LYS B 107 1.68 24.38 7.63
C LYS B 107 3.12 24.37 7.14
N GLU B 108 3.95 25.20 7.75
CA GLU B 108 5.38 25.26 7.43
C GLU B 108 6.10 23.95 7.78
N TRP B 109 5.70 23.35 8.92
CA TRP B 109 6.15 22.03 9.34
C TRP B 109 5.73 20.95 8.35
N LEU B 110 4.48 21.03 7.88
CA LEU B 110 3.98 20.09 6.86
C LEU B 110 4.80 20.21 5.58
N ASN B 111 4.98 21.43 5.09
CA ASN B 111 5.80 21.64 3.89
C ASN B 111 7.18 20.99 4.01
N VAL B 112 7.83 21.22 5.15
CA VAL B 112 9.20 20.76 5.39
C VAL B 112 9.29 19.24 5.45
N LEU B 113 8.38 18.60 6.20
CA LEU B 113 8.35 17.15 6.34
C LEU B 113 8.05 16.48 5.03
N ILE B 114 7.04 16.97 4.33
CA ILE B 114 6.63 16.37 3.07
C ILE B 114 7.77 16.49 2.04
N ASN B 115 8.42 17.65 1.98
CA ASN B 115 9.58 17.78 1.07
C ASN B 115 10.75 16.85 1.45
N GLN B 116 10.98 16.65 2.74
CA GLN B 116 12.02 15.70 3.17
C GLN B 116 11.68 14.27 2.74
N LEU B 117 10.40 13.91 2.88
CA LEU B 117 9.90 12.58 2.51
C LEU B 117 9.97 12.35 1.00
N LEU B 118 9.65 13.39 0.24
CA LEU B 118 9.70 13.32 -1.21
C LEU B 118 11.15 13.19 -1.72
N ALA B 119 12.10 13.67 -0.94
CA ALA B 119 13.51 13.69 -1.35
C ALA B 119 14.26 12.52 -0.73
N ALA B 120 13.52 11.52 -0.24
CA ALA B 120 14.12 10.43 0.52
C ALA B 120 15.15 9.74 -0.34
N GLU B 121 16.27 9.46 0.28
CA GLU B 121 17.31 8.70 -0.37
C GLU B 121 16.86 7.24 -0.50
N ASP B 122 17.40 6.56 -1.50
CA ASP B 122 17.20 5.12 -1.69
C ASP B 122 15.73 4.71 -1.85
N LYS B 123 14.96 5.55 -2.53
CA LYS B 123 13.52 5.28 -2.77
C LYS B 123 13.29 3.98 -3.57
N ILE B 124 14.17 3.70 -4.53
CA ILE B 124 14.02 2.50 -5.38
C ILE B 124 14.15 1.22 -4.54
N PHE B 125 15.18 1.18 -3.70
CA PHE B 125 15.31 0.04 -2.80
C PHE B 125 14.18 -0.01 -1.76
N HIS B 126 13.76 1.16 -1.26
CA HIS B 126 12.67 1.22 -0.32
C HIS B 126 11.39 0.54 -0.83
N ALA B 127 11.09 0.71 -2.11
CA ALA B 127 9.91 0.05 -2.70
C ALA B 127 10.05 -1.47 -2.62
N GLN B 128 11.26 -1.97 -2.84
CA GLN B 128 11.54 -3.40 -2.68
C GLN B 128 11.30 -3.82 -1.23
N ILE B 129 11.70 -2.99 -0.27
CA ILE B 129 11.41 -3.31 1.13
C ILE B 129 9.89 -3.39 1.39
N GLU B 130 9.13 -2.44 0.82
CA GLU B 130 7.67 -2.44 0.92
C GLU B 130 7.08 -3.74 0.37
N MSE B 131 7.60 -4.21 -0.76
CA MSE B 131 7.17 -5.49 -1.32
C MSE B 131 7.54 -6.62 -0.35
O MSE B 131 6.72 -7.49 -0.05
CB MSE B 131 7.83 -5.75 -2.67
CG MSE B 131 7.46 -7.10 -3.27
SE MSE B 131 8.56 -7.62 -4.80
CE MSE B 131 10.29 -7.75 -3.87
N LEU B 132 8.78 -6.58 0.13
CA LEU B 132 9.28 -7.66 0.96
C LEU B 132 8.54 -7.76 2.29
N ALA B 133 7.96 -6.66 2.74
CA ALA B 133 7.20 -6.63 4.00
C ALA B 133 5.98 -7.57 4.00
N TYR B 134 5.47 -7.90 2.83
CA TYR B 134 4.40 -8.90 2.72
C TYR B 134 4.86 -10.34 2.94
N ALA B 135 6.15 -10.60 2.80
CA ALA B 135 6.69 -11.97 2.82
C ALA B 135 7.75 -12.25 3.91
N ILE B 136 8.43 -11.21 4.37
CA ILE B 136 9.57 -11.41 5.26
C ILE B 136 9.30 -10.64 6.54
N PRO B 137 9.04 -11.34 7.66
CA PRO B 137 8.65 -10.62 8.89
C PRO B 137 9.58 -9.49 9.30
N GLN B 138 10.88 -9.64 9.10
CA GLN B 138 11.80 -8.59 9.56
C GLN B 138 11.61 -7.28 8.78
N ALA B 139 11.31 -7.39 7.49
CA ALA B 139 11.09 -6.20 6.67
C ALA B 139 9.77 -5.53 7.09
N LYS B 140 8.75 -6.33 7.33
CA LYS B 140 7.47 -5.83 7.78
C LYS B 140 7.65 -5.11 9.13
N ALA B 141 8.40 -5.77 10.03
CA ALA B 141 8.62 -5.19 11.34
C ALA B 141 9.36 -3.84 11.25
N LEU B 142 10.40 -3.81 10.43
CA LEU B 142 11.20 -2.59 10.26
C LEU B 142 10.36 -1.42 9.78
N LEU B 143 9.60 -1.62 8.71
CA LEU B 143 8.81 -0.54 8.18
C LEU B 143 7.73 -0.09 9.19
N GLU B 144 7.14 -1.03 9.93
CA GLU B 144 6.11 -0.71 10.93
C GLU B 144 6.72 0.12 12.07
N GLU B 145 7.93 -0.23 12.48
CA GLU B 145 8.65 0.58 13.47
C GLU B 145 8.88 2.01 12.98
N HIS B 146 9.30 2.17 11.72
CA HIS B 146 9.57 3.50 11.16
C HIS B 146 8.26 4.30 11.08
N ASN B 147 7.20 3.65 10.61
CA ASN B 147 5.89 4.29 10.51
CA ASN B 147 5.90 4.32 10.50
C ASN B 147 5.36 4.70 11.91
N ASN B 148 5.48 3.79 12.88
CA ASN B 148 5.09 4.10 14.27
C ASN B 148 5.91 5.22 14.92
N ASN B 149 7.21 5.24 14.61
CA ASN B 149 8.10 6.34 14.98
C ASN B 149 7.60 7.70 14.49
N LEU B 150 7.29 7.76 13.19
CA LEU B 150 6.80 8.98 12.55
C LEU B 150 5.42 9.40 13.09
N LYS B 151 4.55 8.43 13.34
CA LYS B 151 3.26 8.71 13.99
C LYS B 151 3.43 9.26 15.41
N ASN B 152 4.37 8.71 16.17
CA ASN B 152 4.61 9.15 17.55
C ASN B 152 5.16 10.56 17.57
N LEU B 153 6.06 10.87 16.64
CA LEU B 153 6.55 12.24 16.53
C LEU B 153 5.40 13.21 16.21
N THR B 154 4.54 12.81 15.28
CA THR B 154 3.40 13.64 14.91
C THR B 154 2.57 13.94 16.16
N TYR B 155 2.39 12.90 17.00
CA TYR B 155 1.64 13.02 18.25
C TYR B 155 2.35 14.00 19.18
N LYS B 156 3.68 13.86 19.27
CA LYS B 156 4.47 14.74 20.13
C LYS B 156 4.33 16.20 19.69
N CYS B 157 4.21 16.40 18.38
CA CYS B 157 4.05 17.74 17.81
C CYS B 157 2.73 18.35 18.25
N LEU B 158 1.65 17.59 18.13
CA LEU B 158 0.32 18.02 18.56
C LEU B 158 0.27 18.35 20.06
N LEU B 159 0.90 17.50 20.89
CA LEU B 159 0.99 17.72 22.34
C LEU B 159 1.79 18.98 22.66
N TYR B 160 2.89 19.18 21.92
CA TYR B 160 3.75 20.34 22.12
C TYR B 160 3.06 21.64 21.79
N TYR B 161 2.28 21.64 20.71
CA TYR B 161 1.50 22.79 20.32
C TYR B 161 0.56 23.26 21.45
N SER B 162 -0.05 22.29 22.12
CA SER B 162 -1.09 22.52 23.11
C SER B 162 -0.56 22.56 24.56
N ASP B 163 0.74 22.30 24.71
CA ASP B 163 1.37 22.06 26.00
C ASP B 163 0.60 21.04 26.87
N GLN B 164 0.36 19.88 26.26
CA GLN B 164 -0.27 18.76 26.95
C GLN B 164 0.69 17.56 27.09
N ALA B 165 0.50 16.77 28.14
CA ALA B 165 1.31 15.56 28.36
C ALA B 165 0.75 14.36 27.62
N ALA B 166 -0.57 14.32 27.49
CA ALA B 166 -1.27 13.21 26.83
C ALA B 166 -2.63 13.67 26.29
N ASN B 167 -3.07 13.08 25.18
CA ASN B 167 -4.35 13.42 24.59
C ASN B 167 -4.77 12.29 23.66
N PRO B 168 -5.71 11.43 24.11
CA PRO B 168 -6.06 10.25 23.29
C PRO B 168 -6.62 10.60 21.91
N SER B 169 -7.26 11.77 21.79
CA SER B 169 -7.79 12.24 20.52
C SER B 169 -6.65 12.67 19.57
N PHE B 170 -5.58 13.25 20.12
CA PHE B 170 -4.41 13.59 19.30
C PHE B 170 -3.65 12.35 18.89
N LYS B 171 -3.66 11.31 19.73
CA LYS B 171 -3.02 10.04 19.35
C LYS B 171 -3.73 9.45 18.14
N THR B 172 -5.06 9.41 18.19
CA THR B 172 -5.88 9.01 17.03
C THR B 172 -5.58 9.90 15.82
N LEU B 173 -5.56 11.20 16.06
CA LEU B 173 -5.29 12.16 15.00
C LEU B 173 -3.94 11.90 14.33
N SER B 174 -2.93 11.60 15.13
CA SER B 174 -1.57 11.40 14.61
C SER B 174 -1.49 10.23 13.66
N LEU B 175 -2.24 9.17 13.95
CA LEU B 175 -2.36 8.02 13.05
C LEU B 175 -2.98 8.41 11.71
N VAL B 176 -4.11 9.09 11.77
CA VAL B 176 -4.86 9.54 10.57
C VAL B 176 -4.01 10.48 9.71
N VAL B 177 -3.44 11.48 10.36
CA VAL B 177 -2.65 12.49 9.68
C VAL B 177 -1.43 11.86 9.03
N PHE B 178 -0.71 11.01 9.75
CA PHE B 178 0.46 10.44 9.11
C PHE B 178 0.10 9.50 7.98
N ASP B 179 -0.99 8.75 8.14
CA ASP B 179 -1.48 7.92 7.06
C ASP B 179 -1.78 8.73 5.80
N PHE B 180 -2.34 9.92 5.98
CA PHE B 180 -2.67 10.78 4.85
C PHE B 180 -1.40 11.33 4.24
N ILE B 181 -0.46 11.73 5.09
CA ILE B 181 0.84 12.20 4.61
C ILE B 181 1.57 11.14 3.77
N SER B 182 1.56 9.89 4.26
CA SER B 182 2.24 8.82 3.57
CA SER B 182 2.23 8.81 3.57
C SER B 182 1.58 8.56 2.21
N ALA B 183 0.24 8.56 2.20
CA ALA B 183 -0.56 8.40 0.98
C ALA B 183 -0.23 9.45 -0.07
N LEU B 184 -0.08 10.70 0.37
CA LEU B 184 0.24 11.79 -0.56
C LEU B 184 1.65 11.63 -1.17
N VAL B 185 2.63 11.29 -0.33
CA VAL B 185 4.00 11.07 -0.78
C VAL B 185 4.04 9.94 -1.82
N ASP B 186 3.34 8.84 -1.54
CA ASP B 186 3.30 7.70 -2.45
C ASP B 186 2.67 8.02 -3.78
N GLU B 187 1.58 8.80 -3.76
CA GLU B 187 0.92 9.23 -4.99
C GLU B 187 1.93 9.94 -5.87
N LEU B 188 2.69 10.83 -5.25
CA LEU B 188 3.66 11.63 -6.00
C LEU B 188 4.90 10.86 -6.45
N LEU B 189 5.37 9.92 -5.62
CA LEU B 189 6.61 9.21 -5.94
C LEU B 189 6.45 8.07 -6.93
N TYR B 190 5.30 7.39 -6.89
CA TYR B 190 5.11 6.14 -7.66
C TYR B 190 4.29 6.26 -8.92
N HIS B 191 3.70 7.43 -9.18
CA HIS B 191 2.84 7.57 -10.34
C HIS B 191 3.31 8.72 -11.22
N GLU B 192 3.09 8.57 -12.51
CA GLU B 192 3.44 9.61 -13.48
C GLU B 192 2.38 10.69 -13.43
N HIS B 193 2.83 11.94 -13.33
CA HIS B 193 1.96 13.11 -13.39
C HIS B 193 2.65 14.18 -14.24
N THR B 194 1.89 14.98 -14.98
CA THR B 194 2.47 16.14 -15.66
C THR B 194 3.01 17.02 -14.55
N GLN B 195 3.94 17.91 -14.88
CA GLN B 195 4.55 18.81 -13.90
C GLN B 195 3.49 19.63 -13.17
N GLU B 196 2.49 20.10 -13.92
CA GLU B 196 1.40 20.88 -13.36
C GLU B 196 0.48 20.04 -12.45
N GLU B 197 0.18 18.81 -12.86
CA GLU B 197 -0.67 17.96 -12.04
C GLU B 197 0.00 17.61 -10.71
N ALA B 198 1.30 17.33 -10.75
CA ALA B 198 2.06 16.99 -9.55
C ALA B 198 2.08 18.18 -8.58
N HIS B 199 2.21 19.39 -9.13
CA HIS B 199 2.14 20.61 -8.32
C HIS B 199 0.76 20.76 -7.68
N GLN B 200 -0.29 20.47 -8.43
CA GLN B 200 -1.65 20.59 -7.89
C GLN B 200 -1.97 19.53 -6.84
N ILE B 201 -1.44 18.33 -7.04
CA ILE B 201 -1.70 17.22 -6.08
C ILE B 201 -1.02 17.60 -4.76
N LYS B 202 0.25 17.98 -4.83
CA LYS B 202 1.04 18.36 -3.66
C LYS B 202 0.37 19.52 -2.87
N LYS B 203 0.02 20.58 -3.58
CA LYS B 203 -0.66 21.72 -2.97
C LYS B 203 -2.00 21.35 -2.33
N THR B 204 -2.86 20.63 -3.06
CA THR B 204 -4.14 20.17 -2.51
C THR B 204 -3.91 19.37 -1.22
N GLY B 205 -2.96 18.45 -1.29
CA GLY B 205 -2.64 17.57 -0.18
C GLY B 205 -2.20 18.33 1.05
N ILE B 206 -1.23 19.23 0.86
CA ILE B 206 -0.68 20.04 1.95
C ILE B 206 -1.72 21.00 2.55
N ASP B 207 -2.44 21.73 1.72
CA ASP B 207 -3.53 22.60 2.19
C ASP B 207 -4.57 21.81 3.01
N SER B 208 -4.92 20.63 2.52
CA SER B 208 -5.92 19.80 3.18
C SER B 208 -5.45 19.30 4.55
N LEU B 209 -4.19 18.88 4.63
CA LEU B 209 -3.62 18.39 5.89
C LEU B 209 -3.55 19.51 6.91
N ASP B 210 -3.06 20.66 6.47
CA ASP B 210 -3.05 21.84 7.33
C ASP B 210 -4.43 22.21 7.86
N LEU B 211 -5.45 22.08 7.02
CA LEU B 211 -6.82 22.37 7.43
C LEU B 211 -7.30 21.42 8.53
N ILE B 212 -7.03 20.12 8.36
CA ILE B 212 -7.45 19.07 9.29
CA ILE B 212 -7.54 19.16 9.33
C ILE B 212 -6.77 19.20 10.66
N ILE B 213 -5.44 19.39 10.61
CA ILE B 213 -4.62 19.56 11.82
C ILE B 213 -5.17 20.74 12.60
N LYS B 214 -5.34 21.89 11.93
CA LYS B 214 -5.82 23.10 12.59
C LYS B 214 -7.24 23.01 13.18
N SER B 215 -8.10 22.18 12.59
CA SER B 215 -9.46 21.99 13.11
C SER B 215 -9.50 21.39 14.53
N TYR B 216 -8.46 20.64 14.89
CA TYR B 216 -8.42 19.99 16.21
C TYR B 216 -7.59 20.78 17.23
N LEU B 217 -6.88 21.79 16.73
CA LEU B 217 -6.01 22.60 17.56
C LEU B 217 -6.71 23.85 18.10
#